data_5AP9
#
_entry.id   5AP9
#
_cell.length_a   90.478
_cell.length_b   90.478
_cell.length_c   160.455
_cell.angle_alpha   90.00
_cell.angle_beta   90.00
_cell.angle_gamma   90.00
#
_symmetry.space_group_name_H-M   'P 43 21 2'
#
loop_
_entity.id
_entity.type
_entity.pdbx_description
1 polymer LIPASE
2 non-polymer 2-acetamido-2-deoxy-beta-D-glucopyranose
3 non-polymer GLYCEROL
4 non-polymer DI(HYDROXYETHYL)ETHER
5 non-polymer 'SULFATE ION'
6 water water
#
_entity_poly.entity_id   1
_entity_poly.type   'polypeptide(L)'
_entity_poly.pdbx_seq_one_letter_code
;EVSQDLFNQFNLFAQYSAAAYCGKNNDAPAGTNITCTGNACPEVEKADATFLYSFEDSGVGDVTGFLALDNTNKLIVLSF
RGSRSCENWIGNLNFDLKEINDICSGCRGHDGFTSSWRSVADTLRQKVEDAVREHPDYRVVFTGHSLGGALATVAGADLR
GNGYDIDVFSYGAPRVGNRAFAEFLTVQTGGTLYRITHTNDIVPRLPPREFGYSHSSPEYWIKSGTLVPVTRNDIVKIEG
IDATGGNNQPNIPDCPAHLWYFGLIGTCL
;
_entity_poly.pdbx_strand_id   A,B
#
loop_
_chem_comp.id
_chem_comp.type
_chem_comp.name
_chem_comp.formula
GOL non-polymer GLYCEROL 'C3 H8 O3'
NAG D-saccharide, beta linking 2-acetamido-2-deoxy-beta-D-glucopyranose 'C8 H15 N O6'
PEG non-polymer DI(HYDROXYETHYL)ETHER 'C4 H10 O3'
SO4 non-polymer 'SULFATE ION' 'O4 S -2'
#
# COMPACT_ATOMS: atom_id res chain seq x y z
N GLU A 1 21.43 -6.31 1.26
CA GLU A 1 20.59 -7.54 1.30
C GLU A 1 19.13 -7.26 1.13
N VAL A 2 18.40 -8.18 0.50
CA VAL A 2 16.95 -8.12 0.40
C VAL A 2 16.38 -9.45 0.85
N SER A 3 15.07 -9.50 1.10
CA SER A 3 14.40 -10.71 1.50
C SER A 3 14.35 -11.71 0.32
N GLN A 4 14.25 -13.00 0.65
CA GLN A 4 14.05 -14.01 -0.39
C GLN A 4 12.78 -13.74 -1.24
N ASP A 5 11.70 -13.28 -0.59
CA ASP A 5 10.48 -12.95 -1.35
C ASP A 5 10.74 -11.83 -2.38
N LEU A 6 11.41 -10.77 -1.97
CA LEU A 6 11.70 -9.65 -2.89
C LEU A 6 12.67 -10.11 -3.99
N PHE A 7 13.69 -10.88 -3.58
CA PHE A 7 14.58 -11.48 -4.54
C PHE A 7 13.85 -12.25 -5.62
N ASN A 8 12.90 -13.11 -5.22
CA ASN A 8 12.14 -13.90 -6.17
C ASN A 8 11.34 -13.03 -7.15
N GLN A 9 10.73 -11.96 -6.64
CA GLN A 9 10.05 -11.02 -7.48
C GLN A 9 11.01 -10.34 -8.47
N PHE A 10 12.13 -9.83 -7.97
CA PHE A 10 13.11 -9.19 -8.87
C PHE A 10 13.55 -10.10 -10.01
N ASN A 11 13.82 -11.36 -9.66
CA ASN A 11 14.20 -12.36 -10.63
C ASN A 11 13.08 -12.63 -11.68
N LEU A 12 11.86 -12.79 -11.18
CA LEU A 12 10.70 -13.04 -12.04
C LEU A 12 10.51 -11.91 -13.07
N PHE A 13 10.48 -10.67 -12.58
CA PHE A 13 10.22 -9.54 -13.52
C PHE A 13 11.40 -9.20 -14.40
N ALA A 14 12.60 -9.58 -13.97
CA ALA A 14 13.76 -9.54 -14.91
C ALA A 14 13.52 -10.45 -16.11
N GLN A 15 12.94 -11.65 -15.86
CA GLN A 15 12.65 -12.57 -16.93
C GLN A 15 11.42 -12.15 -17.75
N TYR A 16 10.38 -11.59 -17.13
CA TYR A 16 9.30 -10.97 -17.95
C TYR A 16 9.89 -9.86 -18.85
N SER A 17 10.83 -9.07 -18.32
CA SER A 17 11.52 -8.04 -19.15
C SER A 17 12.33 -8.64 -20.26
N ALA A 18 13.09 -9.71 -19.98
CA ALA A 18 13.85 -10.39 -21.01
C ALA A 18 12.95 -10.95 -22.10
N ALA A 19 11.78 -11.47 -21.72
CA ALA A 19 10.87 -12.10 -22.65
C ALA A 19 10.37 -11.12 -23.72
N ALA A 20 10.33 -9.83 -23.38
CA ALA A 20 9.85 -8.80 -24.33
C ALA A 20 10.76 -8.60 -25.55
N TYR A 21 12.02 -9.05 -25.47
CA TYR A 21 12.91 -9.00 -26.60
C TYR A 21 12.75 -10.14 -27.59
N CYS A 22 12.11 -11.25 -27.20
CA CYS A 22 12.01 -12.38 -28.12
C CYS A 22 10.99 -11.97 -29.20
N GLY A 23 11.39 -11.97 -30.45
CA GLY A 23 10.50 -11.48 -31.55
C GLY A 23 9.14 -12.18 -31.58
N LYS A 24 9.10 -13.49 -31.28
CA LYS A 24 7.83 -14.22 -31.24
C LYS A 24 6.92 -13.74 -30.14
N ASN A 25 7.43 -13.03 -29.15
CA ASN A 25 6.62 -12.53 -28.04
C ASN A 25 6.07 -11.10 -28.32
N ASN A 26 6.33 -10.60 -29.51
CA ASN A 26 5.77 -9.30 -29.91
C ASN A 26 4.75 -9.49 -31.03
N ASP A 27 4.51 -10.72 -31.50
CA ASP A 27 3.53 -11.00 -32.54
C ASP A 27 2.77 -12.28 -32.22
N ALA A 28 2.54 -12.54 -30.95
CA ALA A 28 1.91 -13.77 -30.50
C ALA A 28 0.40 -13.66 -30.44
N PRO A 29 -0.30 -14.71 -30.86
CA PRO A 29 -1.74 -14.74 -30.68
C PRO A 29 -2.18 -14.69 -29.24
N ALA A 30 -3.25 -13.94 -28.98
CA ALA A 30 -3.83 -13.89 -27.61
C ALA A 30 -4.20 -15.31 -27.15
N GLY A 31 -3.91 -15.61 -25.89
CA GLY A 31 -4.25 -16.85 -25.25
C GLY A 31 -3.16 -17.90 -25.34
N THR A 32 -2.09 -17.66 -26.11
CA THR A 32 -1.06 -18.63 -26.24
C THR A 32 -0.06 -18.47 -25.08
N ASN A 33 0.67 -19.52 -24.82
CA ASN A 33 1.61 -19.54 -23.72
C ASN A 33 2.86 -18.75 -24.01
N ILE A 34 3.42 -18.09 -23.01
CA ILE A 34 4.61 -17.31 -23.17
C ILE A 34 5.83 -18.21 -23.02
N THR A 35 6.67 -18.26 -24.04
CA THR A 35 7.94 -18.98 -24.01
C THR A 35 9.05 -18.08 -24.56
N CYS A 36 10.29 -18.44 -24.25
CA CYS A 36 11.43 -17.68 -24.77
C CYS A 36 12.40 -18.59 -25.44
N THR A 37 13.06 -18.10 -26.47
CA THR A 37 14.22 -18.80 -27.03
C THR A 37 15.24 -19.08 -25.92
N GLY A 38 15.73 -20.32 -25.91
CA GLY A 38 16.77 -20.72 -25.00
C GLY A 38 16.31 -20.62 -23.57
N ASN A 39 17.18 -20.03 -22.75
CA ASN A 39 16.98 -20.01 -21.32
C ASN A 39 16.69 -18.60 -20.83
N ALA A 40 16.04 -17.76 -21.67
CA ALA A 40 15.84 -16.37 -21.31
C ALA A 40 14.78 -16.18 -20.25
N CYS A 41 13.78 -17.07 -20.13
CA CYS A 41 12.70 -16.83 -19.19
C CYS A 41 12.06 -18.07 -18.59
N PRO A 42 12.89 -18.94 -17.98
CA PRO A 42 12.33 -20.19 -17.40
C PRO A 42 11.33 -19.95 -16.30
N GLU A 43 11.51 -18.90 -15.48
CA GLU A 43 10.53 -18.57 -14.42
C GLU A 43 9.18 -18.16 -14.97
N VAL A 44 9.18 -17.56 -16.18
CA VAL A 44 7.94 -17.23 -16.89
C VAL A 44 7.32 -18.47 -17.52
N GLU A 45 8.14 -19.24 -18.23
CA GLU A 45 7.66 -20.47 -18.89
C GLU A 45 7.05 -21.45 -17.89
N LYS A 46 7.67 -21.56 -16.71
CA LYS A 46 7.17 -22.53 -15.73
C LYS A 46 5.81 -22.14 -15.10
N ALA A 47 5.38 -20.89 -15.30
CA ALA A 47 4.06 -20.43 -14.90
C ALA A 47 2.96 -20.66 -15.95
N ASP A 48 1.70 -20.67 -15.52
CA ASP A 48 0.59 -20.58 -16.47
C ASP A 48 0.49 -19.10 -16.86
N ALA A 49 1.35 -18.69 -17.78
CA ALA A 49 1.41 -17.29 -18.23
C ALA A 49 1.08 -17.32 -19.72
N THR A 50 0.09 -16.52 -20.08
CA THR A 50 -0.42 -16.44 -21.44
C THR A 50 -0.56 -14.98 -21.92
N PHE A 51 -0.53 -14.79 -23.24
CA PHE A 51 -0.65 -13.46 -23.82
C PHE A 51 -2.09 -12.96 -23.72
N LEU A 52 -2.28 -11.78 -23.14
CA LEU A 52 -3.54 -10.97 -23.33
C LEU A 52 -3.43 -10.15 -24.61
N TYR A 53 -2.24 -9.60 -24.89
CA TYR A 53 -2.02 -8.73 -26.03
C TYR A 53 -0.52 -8.65 -26.31
N SER A 54 -0.09 -8.83 -27.54
CA SER A 54 1.35 -8.79 -27.88
C SER A 54 1.45 -7.76 -28.99
N PHE A 55 2.42 -6.84 -28.92
CA PHE A 55 2.46 -5.66 -29.79
C PHE A 55 3.89 -5.34 -30.27
N GLU A 56 3.98 -4.83 -31.44
CA GLU A 56 5.25 -4.49 -32.06
C GLU A 56 5.12 -3.22 -32.82
N ASP A 57 6.04 -2.27 -32.57
CA ASP A 57 6.08 -0.99 -33.29
C ASP A 57 4.69 -0.30 -33.27
N SER A 58 4.12 -0.32 -32.09
CA SER A 58 2.79 0.19 -31.84
C SER A 58 2.81 1.67 -31.49
N GLY A 59 1.85 2.42 -32.01
CA GLY A 59 1.79 3.87 -31.84
C GLY A 59 2.86 4.58 -32.66
N VAL A 60 2.76 5.90 -32.68
CA VAL A 60 3.74 6.69 -33.43
C VAL A 60 5.18 6.55 -32.82
N GLY A 61 5.26 6.15 -31.58
CA GLY A 61 6.50 5.94 -30.86
C GLY A 61 7.08 4.57 -31.11
N ASP A 62 6.35 3.69 -31.85
CA ASP A 62 6.85 2.32 -32.08
C ASP A 62 7.29 1.54 -30.88
N VAL A 63 6.35 1.32 -29.97
CA VAL A 63 6.54 0.64 -28.69
C VAL A 63 6.27 -0.85 -28.92
N THR A 64 7.01 -1.69 -28.22
CA THR A 64 6.99 -3.13 -28.44
C THR A 64 7.00 -3.80 -27.09
N GLY A 65 6.22 -4.89 -26.98
CA GLY A 65 6.14 -5.63 -25.74
C GLY A 65 4.93 -6.57 -25.71
N PHE A 66 4.47 -6.87 -24.50
CA PHE A 66 3.26 -7.68 -24.33
C PHE A 66 2.58 -7.41 -23.00
N LEU A 67 1.30 -7.81 -22.93
CA LEU A 67 0.52 -7.88 -21.73
C LEU A 67 0.17 -9.33 -21.48
N ALA A 68 0.52 -9.79 -20.28
CA ALA A 68 0.39 -11.18 -19.90
C ALA A 68 -0.58 -11.37 -18.76
N LEU A 69 -1.24 -12.55 -18.73
CA LEU A 69 -2.02 -13.01 -17.61
C LEU A 69 -1.32 -14.22 -17.01
N ASP A 70 -0.96 -14.12 -15.74
CA ASP A 70 -0.19 -15.21 -15.05
C ASP A 70 -1.07 -15.75 -13.91
N ASN A 71 -1.68 -16.90 -14.15
CA ASN A 71 -2.59 -17.53 -13.18
C ASN A 71 -1.88 -18.15 -12.00
N THR A 72 -0.65 -18.59 -12.24
CA THR A 72 0.16 -19.21 -11.21
C THR A 72 0.54 -18.21 -10.13
N ASN A 73 0.97 -17.03 -10.55
CA ASN A 73 1.43 -15.98 -9.65
C ASN A 73 0.39 -14.89 -9.40
N LYS A 74 -0.75 -15.00 -10.06
CA LYS A 74 -1.86 -14.05 -9.93
C LYS A 74 -1.42 -12.62 -10.29
N LEU A 75 -0.91 -12.50 -11.49
CA LEU A 75 -0.38 -11.25 -12.02
C LEU A 75 -1.00 -10.88 -13.38
N ILE A 76 -1.10 -9.58 -13.58
CA ILE A 76 -1.33 -8.96 -14.88
C ILE A 76 -0.05 -8.17 -15.18
N VAL A 77 0.72 -8.60 -16.17
CA VAL A 77 2.05 -8.04 -16.40
C VAL A 77 2.15 -7.32 -17.74
N LEU A 78 2.50 -6.05 -17.71
CA LEU A 78 2.77 -5.30 -18.95
C LEU A 78 4.27 -5.15 -19.05
N SER A 79 4.87 -5.78 -20.05
CA SER A 79 6.31 -5.79 -20.24
C SER A 79 6.70 -5.09 -21.53
N PHE A 80 7.52 -4.06 -21.41
CA PHE A 80 8.00 -3.26 -22.54
C PHE A 80 9.43 -3.65 -22.93
N ARG A 81 9.62 -3.93 -24.21
CA ARG A 81 10.94 -4.14 -24.80
C ARG A 81 11.76 -2.85 -24.77
N GLY A 82 13.02 -2.97 -24.37
CA GLY A 82 13.97 -1.87 -24.42
C GLY A 82 14.76 -1.86 -25.70
N SER A 83 16.07 -1.66 -25.58
CA SER A 83 16.95 -1.65 -26.75
C SER A 83 18.21 -2.47 -26.46
N ARG A 84 18.81 -3.00 -27.53
CA ARG A 84 20.21 -3.50 -27.44
C ARG A 84 21.19 -2.34 -26.97
N SER A 85 21.03 -1.16 -27.64
CA SER A 85 21.82 0.12 -27.48
C SER A 85 22.21 0.65 -26.10
N CYS A 86 23.51 0.73 -25.86
N CYS A 86 23.52 0.71 -25.82
CA CYS A 86 24.02 1.35 -24.68
CA CYS A 86 23.95 1.39 -24.58
C CYS A 86 23.93 2.87 -24.69
C CYS A 86 23.93 2.89 -24.66
N GLU A 87 24.45 3.46 -25.77
CA GLU A 87 24.65 4.92 -25.89
C GLU A 87 23.84 5.64 -26.99
N ASN A 88 23.58 4.94 -28.08
CA ASN A 88 23.12 5.62 -29.29
C ASN A 88 21.72 6.24 -29.18
N TRP A 89 20.91 5.67 -28.31
CA TRP A 89 19.56 6.22 -28.03
C TRP A 89 19.63 7.66 -27.48
N ILE A 90 20.79 8.06 -26.93
CA ILE A 90 21.02 9.49 -26.62
C ILE A 90 20.97 10.37 -27.88
N GLY A 91 21.55 9.87 -28.96
CA GLY A 91 21.55 10.55 -30.24
C GLY A 91 20.26 10.41 -31.04
N ASN A 92 19.48 9.37 -30.76
CA ASN A 92 18.39 8.90 -31.66
C ASN A 92 17.02 9.30 -31.10
N LEU A 93 16.93 9.63 -29.81
CA LEU A 93 15.66 10.02 -29.19
C LEU A 93 15.85 11.44 -28.57
N ASN A 94 14.74 12.17 -28.51
CA ASN A 94 14.75 13.53 -27.98
C ASN A 94 14.82 13.48 -26.43
N PHE A 95 15.96 13.93 -25.89
CA PHE A 95 16.19 13.95 -24.44
C PHE A 95 15.80 15.32 -23.88
N ASP A 96 15.21 16.18 -24.69
CA ASP A 96 14.65 17.41 -24.13
C ASP A 96 13.57 17.03 -23.10
N LEU A 97 13.47 17.81 -22.06
CA LEU A 97 12.45 17.55 -21.05
C LEU A 97 11.16 18.25 -21.40
N LYS A 98 10.07 17.49 -21.50
CA LYS A 98 8.78 18.00 -21.91
C LYS A 98 7.93 18.11 -20.63
N GLU A 99 7.06 19.12 -20.58
CA GLU A 99 6.09 19.28 -19.49
C GLU A 99 5.15 18.09 -19.37
N ILE A 100 5.02 17.52 -18.17
CA ILE A 100 4.04 16.42 -17.88
C ILE A 100 3.19 16.74 -16.63
N ASN A 101 2.67 17.96 -16.58
CA ASN A 101 1.83 18.43 -15.48
C ASN A 101 0.60 17.57 -15.25
N ASP A 102 0.12 16.89 -16.28
CA ASP A 102 -1.00 15.96 -16.17
C ASP A 102 -0.65 14.67 -15.42
N ILE A 103 0.64 14.38 -15.28
CA ILE A 103 1.13 13.28 -14.44
C ILE A 103 1.40 13.84 -13.02
N CYS A 104 2.09 14.98 -12.90
CA CYS A 104 2.43 15.60 -11.61
C CYS A 104 2.88 17.03 -11.80
N SER A 105 2.48 17.91 -10.89
CA SER A 105 2.67 19.35 -11.06
C SER A 105 4.19 19.72 -11.05
N GLY A 106 4.66 20.50 -12.05
CA GLY A 106 6.06 20.84 -12.16
C GLY A 106 6.96 19.70 -12.69
N CYS A 107 6.38 18.54 -12.99
CA CYS A 107 7.14 17.44 -13.53
C CYS A 107 7.45 17.64 -15.03
N ARG A 108 8.64 17.20 -15.41
CA ARG A 108 9.05 17.15 -16.80
C ARG A 108 9.66 15.78 -17.03
N GLY A 109 9.42 15.24 -18.21
CA GLY A 109 9.93 13.96 -18.59
C GLY A 109 10.59 13.93 -19.95
N HIS A 110 11.43 12.91 -20.17
CA HIS A 110 12.10 12.74 -21.46
C HIS A 110 11.04 12.78 -22.57
N ASP A 111 11.28 13.62 -23.56
CA ASP A 111 10.32 13.82 -24.66
C ASP A 111 10.01 12.47 -25.33
N GLY A 112 11.05 11.73 -25.70
CA GLY A 112 10.87 10.45 -26.36
C GLY A 112 10.07 9.45 -25.58
N PHE A 113 10.42 9.20 -24.32
CA PHE A 113 9.72 8.20 -23.53
C PHE A 113 8.28 8.61 -23.31
N THR A 114 8.06 9.88 -22.96
N THR A 114 8.05 9.88 -22.93
CA THR A 114 6.74 10.35 -22.68
CA THR A 114 6.70 10.35 -22.61
C THR A 114 5.80 10.34 -23.88
C THR A 114 5.79 10.36 -23.86
N SER A 115 6.32 10.84 -24.98
CA SER A 115 5.61 10.86 -26.26
C SER A 115 5.24 9.44 -26.71
N SER A 116 6.21 8.55 -26.60
CA SER A 116 5.99 7.12 -26.97
C SER A 116 4.89 6.47 -26.17
N TRP A 117 4.96 6.64 -24.84
CA TRP A 117 3.89 6.12 -23.95
C TRP A 117 2.55 6.76 -24.34
N ARG A 118 2.51 8.08 -24.48
CA ARG A 118 1.26 8.75 -24.79
C ARG A 118 0.61 8.19 -26.04
N SER A 119 1.41 7.81 -27.02
N SER A 119 1.40 7.80 -27.04
CA SER A 119 0.89 7.32 -28.29
CA SER A 119 0.79 7.30 -28.30
C SER A 119 0.15 5.98 -28.18
C SER A 119 0.09 5.97 -28.16
N VAL A 120 0.42 5.19 -27.12
CA VAL A 120 -0.22 3.90 -26.88
C VAL A 120 -1.02 3.86 -25.58
N ALA A 121 -1.04 4.95 -24.81
CA ALA A 121 -1.60 4.90 -23.44
C ALA A 121 -3.08 4.51 -23.36
N ASP A 122 -3.90 5.07 -24.24
CA ASP A 122 -5.35 4.74 -24.24
C ASP A 122 -5.64 3.25 -24.49
N THR A 123 -4.97 2.69 -25.49
CA THR A 123 -5.16 1.28 -25.81
C THR A 123 -4.69 0.40 -24.66
N LEU A 124 -3.47 0.68 -24.15
CA LEU A 124 -2.92 -0.18 -23.12
C LEU A 124 -3.65 -0.01 -21.77
N ARG A 125 -4.03 1.22 -21.45
CA ARG A 125 -4.92 1.42 -20.28
C ARG A 125 -6.18 0.56 -20.36
N GLN A 126 -6.88 0.56 -21.47
CA GLN A 126 -8.09 -0.21 -21.58
C GLN A 126 -7.85 -1.72 -21.42
N LYS A 127 -6.73 -2.24 -21.93
CA LYS A 127 -6.46 -3.64 -21.80
C LYS A 127 -6.13 -4.00 -20.38
N VAL A 128 -5.34 -3.17 -19.72
CA VAL A 128 -4.98 -3.42 -18.34
C VAL A 128 -6.29 -3.40 -17.48
N GLU A 129 -7.13 -2.42 -17.71
CA GLU A 129 -8.36 -2.24 -16.94
C GLU A 129 -9.34 -3.38 -17.14
N ASP A 130 -9.44 -3.90 -18.36
CA ASP A 130 -10.29 -5.05 -18.61
C ASP A 130 -9.81 -6.30 -17.83
N ALA A 131 -8.51 -6.51 -17.82
CA ALA A 131 -7.92 -7.61 -17.10
C ALA A 131 -8.16 -7.49 -15.58
N VAL A 132 -8.01 -6.29 -15.04
CA VAL A 132 -8.27 -6.02 -13.63
C VAL A 132 -9.73 -6.35 -13.28
N ARG A 133 -10.66 -5.92 -14.11
CA ARG A 133 -12.07 -6.24 -13.89
C ARG A 133 -12.32 -7.74 -13.86
N GLU A 134 -11.70 -8.48 -14.79
CA GLU A 134 -11.85 -9.93 -14.83
C GLU A 134 -11.11 -10.64 -13.69
N HIS A 135 -10.02 -10.03 -13.21
CA HIS A 135 -9.18 -10.64 -12.17
C HIS A 135 -8.81 -9.63 -11.10
N PRO A 136 -9.79 -9.27 -10.25
CA PRO A 136 -9.56 -8.13 -9.34
C PRO A 136 -8.58 -8.45 -8.20
N ASP A 137 -8.33 -9.76 -7.98
CA ASP A 137 -7.35 -10.24 -7.03
C ASP A 137 -5.95 -10.37 -7.58
N TYR A 138 -5.71 -10.09 -8.86
CA TYR A 138 -4.40 -10.22 -9.44
C TYR A 138 -3.67 -8.88 -9.30
N ARG A 139 -2.36 -8.97 -9.16
CA ARG A 139 -1.51 -7.77 -9.03
C ARG A 139 -1.10 -7.24 -10.40
N VAL A 140 -1.31 -5.94 -10.62
CA VAL A 140 -0.83 -5.33 -11.85
C VAL A 140 0.60 -4.88 -11.73
N VAL A 141 1.46 -5.36 -12.64
CA VAL A 141 2.89 -5.05 -12.64
C VAL A 141 3.31 -4.60 -14.02
N PHE A 142 4.01 -3.46 -14.10
CA PHE A 142 4.61 -3.00 -15.34
C PHE A 142 6.12 -3.21 -15.21
N THR A 143 6.75 -3.66 -16.26
CA THR A 143 8.15 -3.97 -16.21
C THR A 143 8.86 -3.73 -17.52
N GLY A 144 10.17 -3.54 -17.43
CA GLY A 144 11.00 -3.53 -18.57
C GLY A 144 12.45 -3.27 -18.28
N HIS A 145 13.28 -3.64 -19.23
CA HIS A 145 14.72 -3.42 -19.20
C HIS A 145 14.99 -2.16 -20.03
N SER A 146 15.97 -1.39 -19.56
CA SER A 146 16.56 -0.30 -20.35
C SER A 146 15.42 0.70 -20.69
N LEU A 147 15.34 1.08 -21.96
CA LEU A 147 14.27 2.01 -22.41
C LEU A 147 12.86 1.47 -22.15
N GLY A 148 12.75 0.13 -22.10
CA GLY A 148 11.51 -0.49 -21.69
C GLY A 148 11.14 -0.26 -20.24
N GLY A 149 12.15 -0.20 -19.38
CA GLY A 149 11.94 0.13 -17.99
C GLY A 149 11.54 1.58 -17.81
N ALA A 150 12.10 2.44 -18.65
CA ALA A 150 11.68 3.87 -18.68
C ALA A 150 10.20 4.01 -19.08
N LEU A 151 9.80 3.30 -20.12
CA LEU A 151 8.42 3.29 -20.55
C LEU A 151 7.52 2.76 -19.41
N ALA A 152 7.95 1.66 -18.72
CA ALA A 152 7.15 1.10 -17.63
C ALA A 152 6.95 2.10 -16.49
N THR A 153 8.00 2.88 -16.21
CA THR A 153 7.98 3.89 -15.16
C THR A 153 7.04 5.03 -15.46
N VAL A 154 7.17 5.59 -16.69
CA VAL A 154 6.23 6.62 -17.13
C VAL A 154 4.79 6.14 -17.14
N ALA A 155 4.57 4.97 -17.72
CA ALA A 155 3.24 4.37 -17.80
C ALA A 155 2.61 4.15 -16.40
N GLY A 156 3.41 3.65 -15.47
CA GLY A 156 2.92 3.45 -14.10
C GLY A 156 2.57 4.75 -13.43
N ALA A 157 3.47 5.75 -13.55
CA ALA A 157 3.20 7.06 -12.96
C ALA A 157 1.91 7.63 -13.51
N ASP A 158 1.66 7.45 -14.83
CA ASP A 158 0.47 8.00 -15.49
C ASP A 158 -0.83 7.29 -15.10
N LEU A 159 -0.81 5.95 -15.01
CA LEU A 159 -2.02 5.14 -14.80
C LEU A 159 -2.38 4.79 -13.34
N ARG A 160 -1.51 5.08 -12.39
CA ARG A 160 -1.86 4.94 -10.98
C ARG A 160 -2.97 5.88 -10.59
N GLY A 161 -3.68 5.49 -9.55
CA GLY A 161 -4.71 6.31 -8.92
C GLY A 161 -6.09 6.06 -9.49
N ASN A 162 -6.25 4.99 -10.28
CA ASN A 162 -7.55 4.65 -10.84
C ASN A 162 -8.18 3.34 -10.29
N GLY A 163 -7.96 3.06 -9.00
CA GLY A 163 -8.67 1.97 -8.29
C GLY A 163 -7.96 0.63 -8.26
N TYR A 164 -6.77 0.53 -8.84
CA TYR A 164 -5.95 -0.67 -8.71
C TYR A 164 -4.50 -0.24 -8.61
N ASP A 165 -3.74 -0.95 -7.79
CA ASP A 165 -2.33 -0.69 -7.66
C ASP A 165 -1.54 -1.05 -8.93
N ILE A 166 -0.45 -0.30 -9.18
CA ILE A 166 0.49 -0.66 -10.24
C ILE A 166 1.86 -0.62 -9.64
N ASP A 167 2.50 -1.80 -9.57
CA ASP A 167 3.90 -1.85 -9.21
C ASP A 167 4.73 -1.82 -10.45
N VAL A 168 5.92 -1.26 -10.34
CA VAL A 168 6.84 -1.15 -11.50
C VAL A 168 8.13 -1.76 -11.08
N PHE A 169 8.67 -2.61 -11.93
CA PHE A 169 10.04 -3.15 -11.75
C PHE A 169 10.84 -2.78 -12.97
N SER A 170 11.86 -1.94 -12.82
CA SER A 170 12.69 -1.58 -13.97
C SER A 170 14.09 -2.11 -13.82
N TYR A 171 14.73 -2.49 -14.93
CA TYR A 171 16.06 -3.08 -14.92
C TYR A 171 16.98 -2.30 -15.80
N GLY A 172 17.97 -1.63 -15.23
CA GLY A 172 18.95 -0.90 -16.08
C GLY A 172 18.30 0.29 -16.82
N ALA A 173 17.29 0.89 -16.18
CA ALA A 173 16.55 2.04 -16.82
C ALA A 173 17.34 3.33 -16.72
N PRO A 174 17.27 4.13 -17.79
CA PRO A 174 17.77 5.50 -17.69
C PRO A 174 16.90 6.34 -16.74
N ARG A 175 17.42 7.53 -16.41
CA ARG A 175 16.62 8.53 -15.73
C ARG A 175 15.48 8.91 -16.70
N VAL A 176 14.34 9.25 -16.14
CA VAL A 176 13.17 9.55 -16.96
C VAL A 176 12.70 11.00 -16.94
N GLY A 177 13.13 11.78 -15.95
CA GLY A 177 12.75 13.16 -15.90
C GLY A 177 13.48 13.99 -14.90
N ASN A 178 12.88 15.15 -14.57
CA ASN A 178 13.51 16.14 -13.70
C ASN A 178 13.38 15.80 -12.20
N ARG A 179 13.94 16.66 -11.35
CA ARG A 179 13.89 16.43 -9.90
C ARG A 179 12.48 16.31 -9.42
N ALA A 180 11.57 17.18 -9.90
CA ALA A 180 10.13 17.05 -9.47
C ALA A 180 9.56 15.68 -9.79
N PHE A 181 9.87 15.15 -10.96
CA PHE A 181 9.38 13.86 -11.34
C PHE A 181 10.02 12.75 -10.52
N ALA A 182 11.32 12.90 -10.26
CA ALA A 182 12.01 11.94 -9.37
C ALA A 182 11.39 11.91 -7.96
N GLU A 183 11.06 13.10 -7.45
CA GLU A 183 10.43 13.23 -6.11
C GLU A 183 9.06 12.56 -6.13
N PHE A 184 8.27 12.84 -7.17
CA PHE A 184 6.98 12.23 -7.34
C PHE A 184 7.06 10.71 -7.36
N LEU A 185 7.97 10.17 -8.16
CA LEU A 185 8.16 8.72 -8.24
C LEU A 185 8.65 8.09 -6.94
N THR A 186 9.26 8.88 -6.07
CA THR A 186 9.67 8.43 -4.75
C THR A 186 8.50 8.26 -3.78
N VAL A 187 7.44 9.05 -3.91
CA VAL A 187 6.40 9.08 -2.90
C VAL A 187 5.06 8.71 -3.44
N GLN A 188 4.92 8.51 -4.74
CA GLN A 188 3.60 8.37 -5.34
C GLN A 188 2.81 7.20 -4.67
N THR A 189 1.54 7.45 -4.42
CA THR A 189 0.66 6.41 -3.86
C THR A 189 0.15 5.50 -4.99
N GLY A 190 -0.50 4.40 -4.62
CA GLY A 190 -1.08 3.54 -5.60
C GLY A 190 -0.10 2.57 -6.26
N GLY A 191 0.99 2.24 -5.58
CA GLY A 191 1.92 1.22 -6.07
C GLY A 191 3.33 1.57 -5.74
N THR A 192 4.25 0.63 -5.99
CA THR A 192 5.67 0.76 -5.66
C THR A 192 6.50 0.64 -6.89
N LEU A 193 7.48 1.53 -7.02
CA LEU A 193 8.51 1.40 -8.04
C LEU A 193 9.74 0.72 -7.42
N TYR A 194 10.18 -0.38 -8.06
CA TYR A 194 11.44 -1.00 -7.69
C TYR A 194 12.39 -0.75 -8.83
N ARG A 195 13.35 0.15 -8.61
CA ARG A 195 14.28 0.60 -9.66
C ARG A 195 15.61 -0.13 -9.45
N ILE A 196 15.88 -1.10 -10.31
CA ILE A 196 17.02 -2.04 -10.16
C ILE A 196 18.16 -1.72 -11.12
N THR A 197 19.38 -1.66 -10.59
CA THR A 197 20.54 -1.32 -11.38
C THR A 197 21.60 -2.39 -11.16
N HIS A 198 22.57 -2.45 -12.07
CA HIS A 198 23.65 -3.41 -11.98
C HIS A 198 25.03 -2.76 -12.11
N THR A 199 25.88 -3.00 -11.09
CA THR A 199 27.28 -2.54 -11.01
C THR A 199 27.47 -1.15 -11.66
N ASN A 200 28.23 -1.08 -12.75
CA ASN A 200 28.55 0.20 -13.39
C ASN A 200 27.91 0.32 -14.78
N ASP A 201 26.73 -0.28 -14.94
CA ASP A 201 25.90 -0.21 -16.15
C ASP A 201 25.78 1.31 -16.52
N ILE A 202 26.17 1.64 -17.75
CA ILE A 202 26.11 3.04 -18.23
C ILE A 202 24.68 3.58 -18.32
N VAL A 203 23.70 2.74 -18.62
CA VAL A 203 22.36 3.27 -18.96
C VAL A 203 21.67 4.05 -17.83
N PRO A 204 21.72 3.52 -16.58
CA PRO A 204 21.15 4.32 -15.49
C PRO A 204 21.91 5.60 -15.14
N ARG A 205 23.07 5.81 -15.77
CA ARG A 205 23.85 7.05 -15.65
C ARG A 205 23.49 8.09 -16.74
N LEU A 206 22.48 7.78 -17.54
CA LEU A 206 22.02 8.61 -18.65
C LEU A 206 20.51 8.86 -18.54
N PRO A 207 19.99 9.92 -19.18
CA PRO A 207 20.81 11.06 -19.57
C PRO A 207 21.52 11.68 -18.35
N PRO A 208 22.56 12.44 -18.56
CA PRO A 208 23.31 13.06 -17.45
C PRO A 208 22.43 13.90 -16.51
N ARG A 209 22.83 13.95 -15.24
CA ARG A 209 22.25 14.94 -14.31
C ARG A 209 22.28 16.36 -14.88
N GLU A 210 23.34 16.69 -15.60
CA GLU A 210 23.49 17.99 -16.23
C GLU A 210 22.68 18.19 -17.50
N PHE A 211 21.89 17.21 -17.91
CA PHE A 211 20.81 17.43 -18.87
C PHE A 211 19.48 17.75 -18.12
N GLY A 212 19.53 17.85 -16.79
CA GLY A 212 18.38 18.19 -15.95
C GLY A 212 17.64 17.02 -15.39
N TYR A 213 18.23 15.80 -15.46
CA TYR A 213 17.62 14.59 -15.02
C TYR A 213 17.99 14.17 -13.61
N SER A 214 17.08 13.51 -12.92
CA SER A 214 17.30 13.01 -11.55
C SER A 214 16.73 11.61 -11.48
N HIS A 215 17.28 10.81 -10.59
CA HIS A 215 16.71 9.49 -10.24
C HIS A 215 15.90 9.52 -8.96
N SER A 216 14.79 8.84 -9.03
CA SER A 216 13.96 8.51 -7.89
C SER A 216 14.70 7.60 -6.88
N SER A 217 14.17 7.58 -5.66
CA SER A 217 14.70 6.77 -4.59
C SER A 217 13.62 5.74 -4.17
N PRO A 218 14.03 4.56 -3.73
CA PRO A 218 15.40 4.10 -3.62
C PRO A 218 15.87 3.42 -4.90
N GLU A 219 17.09 2.91 -4.82
CA GLU A 219 17.75 2.13 -5.84
C GLU A 219 18.07 0.76 -5.27
N TYR A 220 17.82 -0.29 -6.03
CA TYR A 220 18.27 -1.64 -5.67
C TYR A 220 19.46 -1.99 -6.56
N TRP A 221 20.66 -1.90 -5.98
CA TRP A 221 21.91 -2.02 -6.71
C TRP A 221 22.42 -3.44 -6.59
N ILE A 222 22.52 -4.12 -7.73
CA ILE A 222 23.16 -5.46 -7.81
C ILE A 222 24.67 -5.28 -7.94
N LYS A 223 25.42 -5.77 -6.92
CA LYS A 223 26.84 -5.58 -6.88
C LYS A 223 27.64 -6.72 -7.46
N SER A 224 27.03 -7.86 -7.66
CA SER A 224 27.71 -9.02 -8.23
C SER A 224 27.96 -8.75 -9.72
N GLY A 225 28.99 -9.41 -10.24
CA GLY A 225 29.48 -9.13 -11.57
C GLY A 225 28.61 -9.59 -12.75
N THR A 226 29.11 -9.24 -13.94
CA THR A 226 28.47 -9.71 -15.19
C THR A 226 28.70 -11.23 -15.36
N LEU A 227 27.62 -11.94 -15.63
CA LEU A 227 27.55 -13.42 -15.72
C LEU A 227 27.72 -14.09 -14.34
N VAL A 228 27.59 -13.34 -13.25
CA VAL A 228 27.69 -13.92 -11.90
C VAL A 228 26.26 -14.12 -11.40
N PRO A 229 25.91 -15.36 -10.99
CA PRO A 229 24.55 -15.52 -10.44
C PRO A 229 24.35 -14.59 -9.21
N VAL A 230 23.17 -14.03 -9.09
CA VAL A 230 22.87 -13.05 -8.04
C VAL A 230 22.28 -13.81 -6.82
N THR A 231 22.69 -13.40 -5.63
CA THR A 231 22.07 -13.84 -4.40
C THR A 231 21.44 -12.65 -3.73
N ARG A 232 20.61 -12.91 -2.74
CA ARG A 232 20.01 -11.80 -2.00
C ARG A 232 20.99 -10.91 -1.27
N ASN A 233 22.16 -11.45 -0.88
N ASN A 233 22.16 -11.43 -0.90
CA ASN A 233 23.21 -10.64 -0.30
CA ASN A 233 23.22 -10.61 -0.32
C ASN A 233 23.93 -9.68 -1.29
C ASN A 233 23.91 -9.66 -1.30
N ASP A 234 23.69 -9.86 -2.59
CA ASP A 234 24.37 -9.05 -3.60
C ASP A 234 23.56 -7.81 -3.98
N ILE A 235 22.37 -7.65 -3.42
CA ILE A 235 21.48 -6.51 -3.73
C ILE A 235 21.44 -5.58 -2.54
N VAL A 236 21.86 -4.34 -2.77
N VAL A 236 21.85 -4.34 -2.75
CA VAL A 236 21.92 -3.31 -1.73
CA VAL A 236 21.86 -3.37 -1.67
C VAL A 236 20.89 -2.26 -2.02
C VAL A 236 20.91 -2.24 -2.00
N LYS A 237 20.08 -1.89 -1.04
CA LYS A 237 19.11 -0.79 -1.20
C LYS A 237 19.81 0.54 -0.85
N ILE A 238 19.79 1.49 -1.78
CA ILE A 238 20.48 2.74 -1.67
C ILE A 238 19.40 3.82 -1.61
N GLU A 239 19.40 4.58 -0.53
CA GLU A 239 18.37 5.60 -0.29
C GLU A 239 18.82 7.01 -0.64
N GLY A 240 17.90 7.80 -1.19
CA GLY A 240 18.14 9.20 -1.46
C GLY A 240 17.99 9.55 -2.93
N ILE A 241 17.36 10.70 -3.22
CA ILE A 241 17.22 11.14 -4.65
C ILE A 241 18.65 11.45 -5.13
N ASP A 242 19.02 10.94 -6.28
CA ASP A 242 20.34 11.07 -6.84
C ASP A 242 21.50 10.59 -5.93
N ALA A 243 21.22 9.57 -5.11
CA ALA A 243 22.24 9.01 -4.25
C ALA A 243 23.42 8.54 -5.10
N THR A 244 24.62 8.62 -4.52
CA THR A 244 25.86 8.19 -5.17
C THR A 244 26.49 6.86 -4.62
N GLY A 245 25.84 6.18 -3.69
CA GLY A 245 26.40 4.90 -3.18
C GLY A 245 26.33 3.65 -4.08
N GLY A 246 25.54 3.68 -5.17
CA GLY A 246 25.26 2.45 -5.95
C GLY A 246 25.81 2.54 -7.37
N ASN A 247 24.90 2.54 -8.34
CA ASN A 247 25.28 2.72 -9.76
C ASN A 247 25.82 4.12 -10.10
N ASN A 248 25.36 5.12 -9.37
CA ASN A 248 25.68 6.53 -9.67
C ASN A 248 27.02 6.93 -9.01
N GLN A 249 28.12 6.33 -9.47
CA GLN A 249 29.44 6.60 -8.94
C GLN A 249 30.34 7.18 -10.01
N PRO A 250 31.34 7.99 -9.60
CA PRO A 250 32.19 8.68 -10.58
C PRO A 250 33.35 7.79 -11.05
N ASN A 251 33.04 6.64 -11.64
CA ASN A 251 34.05 5.69 -12.11
C ASN A 251 33.71 5.35 -13.56
N ILE A 252 34.51 4.49 -14.18
CA ILE A 252 34.27 4.17 -15.58
C ILE A 252 33.03 3.33 -15.70
N PRO A 253 32.10 3.69 -16.65
CA PRO A 253 30.91 2.88 -16.82
C PRO A 253 31.17 1.74 -17.78
N ASP A 254 30.15 0.91 -17.96
CA ASP A 254 30.29 -0.32 -18.71
C ASP A 254 29.01 -0.68 -19.49
N CYS A 255 29.17 -1.16 -20.72
N CYS A 255 29.16 -1.16 -20.72
CA CYS A 255 28.04 -1.67 -21.53
CA CYS A 255 28.04 -1.64 -21.51
C CYS A 255 27.67 -3.14 -21.28
C CYS A 255 27.67 -3.13 -21.29
N PRO A 256 28.66 -4.05 -21.24
CA PRO A 256 28.29 -5.45 -20.89
C PRO A 256 27.48 -5.58 -19.64
N ALA A 257 27.77 -4.76 -18.61
CA ALA A 257 26.97 -4.81 -17.34
C ALA A 257 25.50 -4.57 -17.56
N HIS A 258 25.17 -3.82 -18.63
CA HIS A 258 23.77 -3.60 -18.98
C HIS A 258 22.98 -4.82 -19.36
N LEU A 259 23.68 -5.88 -19.79
CA LEU A 259 23.03 -7.07 -20.32
C LEU A 259 22.87 -8.18 -19.28
N TRP A 260 23.22 -7.91 -18.01
CA TRP A 260 23.17 -8.97 -17.00
C TRP A 260 22.43 -8.50 -15.79
N TYR A 261 21.15 -8.82 -15.75
CA TYR A 261 20.25 -8.48 -14.62
C TYR A 261 19.60 -9.82 -14.22
N PHE A 262 20.27 -10.52 -13.31
CA PHE A 262 19.89 -11.88 -12.87
C PHE A 262 20.25 -12.95 -13.90
N GLY A 263 19.94 -12.70 -15.14
CA GLY A 263 20.49 -13.45 -16.28
C GLY A 263 20.64 -12.52 -17.50
N LEU A 264 20.88 -13.10 -18.67
CA LEU A 264 21.10 -12.27 -19.89
C LEU A 264 19.81 -11.59 -20.24
N ILE A 265 19.88 -10.32 -20.55
CA ILE A 265 18.71 -9.55 -20.83
C ILE A 265 19.05 -8.61 -22.00
N GLY A 266 18.15 -8.54 -22.99
CA GLY A 266 18.40 -7.88 -24.26
C GLY A 266 18.90 -8.75 -25.38
N THR A 267 19.10 -10.07 -25.16
CA THR A 267 19.72 -11.03 -26.06
C THR A 267 18.79 -12.09 -26.61
N CYS A 268 17.50 -12.04 -26.25
CA CYS A 268 16.59 -13.07 -26.70
C CYS A 268 16.20 -12.72 -28.14
N LEU A 269 16.36 -13.68 -29.04
CA LEU A 269 16.08 -13.44 -30.50
C LEU A 269 14.58 -13.54 -30.76
N GLU B 1 -10.02 -7.96 -1.49
CA GLU B 1 -8.69 -7.27 -1.76
C GLU B 1 -8.78 -5.76 -1.53
N VAL B 2 -7.68 -5.16 -1.07
CA VAL B 2 -7.60 -3.69 -0.80
C VAL B 2 -6.29 -3.21 -1.36
N SER B 3 -6.16 -1.91 -1.50
CA SER B 3 -4.94 -1.30 -2.10
C SER B 3 -3.79 -1.39 -1.11
N GLN B 4 -2.58 -1.39 -1.61
CA GLN B 4 -1.42 -1.36 -0.75
C GLN B 4 -1.43 -0.12 0.16
N ASP B 5 -1.92 1.02 -0.33
CA ASP B 5 -2.03 2.24 0.50
C ASP B 5 -2.96 2.00 1.70
N LEU B 6 -4.14 1.46 1.43
CA LEU B 6 -5.11 1.21 2.51
C LEU B 6 -4.58 0.13 3.47
N PHE B 7 -4.00 -0.94 2.90
CA PHE B 7 -3.32 -1.93 3.70
C PHE B 7 -2.28 -1.31 4.63
N ASN B 8 -1.40 -0.45 4.08
CA ASN B 8 -0.39 0.22 4.91
C ASN B 8 -0.98 1.07 6.04
N GLN B 9 -2.06 1.78 5.74
CA GLN B 9 -2.77 2.58 6.77
C GLN B 9 -3.39 1.67 7.82
N PHE B 10 -4.06 0.63 7.38
CA PHE B 10 -4.61 -0.38 8.34
C PHE B 10 -3.53 -0.94 9.26
N ASN B 11 -2.38 -1.29 8.68
CA ASN B 11 -1.26 -1.80 9.43
C ASN B 11 -0.73 -0.75 10.41
N LEU B 12 -0.54 0.49 9.92
CA LEU B 12 -0.01 1.55 10.75
C LEU B 12 -0.92 1.79 11.95
N PHE B 13 -2.21 1.89 11.74
CA PHE B 13 -3.11 2.21 12.88
C PHE B 13 -3.41 1.01 13.76
N ALA B 14 -3.22 -0.22 13.23
CA ALA B 14 -3.22 -1.39 14.07
C ALA B 14 -2.08 -1.28 15.05
N GLN B 15 -0.92 -0.80 14.59
CA GLN B 15 0.23 -0.63 15.46
C GLN B 15 0.06 0.55 16.43
N TYR B 16 -0.48 1.67 15.99
CA TYR B 16 -0.84 2.76 16.97
C TYR B 16 -1.83 2.23 18.02
N SER B 17 -2.78 1.39 17.59
CA SER B 17 -3.69 0.70 18.54
C SER B 17 -2.98 -0.23 19.47
N ALA B 18 -2.04 -1.03 18.95
CA ALA B 18 -1.30 -1.93 19.78
C ALA B 18 -0.45 -1.18 20.78
N ALA B 19 0.10 -0.05 20.38
CA ALA B 19 0.95 0.78 21.25
C ALA B 19 0.24 1.32 22.50
N ALA B 20 -1.08 1.41 22.45
CA ALA B 20 -1.85 1.89 23.59
C ALA B 20 -1.84 0.90 24.76
N TYR B 21 -1.49 -0.37 24.48
CA TYR B 21 -1.26 -1.39 25.49
C TYR B 21 0.28 -1.47 25.73
N CYS B 22 1.12 -1.48 24.66
CA CYS B 22 2.60 -1.80 24.68
C CYS B 22 3.52 -0.61 24.52
N ILE B 34 7.75 7.67 21.05
CA ILE B 34 6.89 6.45 21.19
C ILE B 34 7.63 5.18 20.78
N THR B 35 7.75 4.24 21.72
CA THR B 35 8.30 2.89 21.46
C THR B 35 7.39 1.82 22.09
N CYS B 36 7.53 0.57 21.63
CA CYS B 36 6.78 -0.56 22.19
C CYS B 36 7.64 -1.73 22.54
N THR B 37 7.24 -2.44 23.60
CA THR B 37 7.80 -3.72 23.94
C THR B 37 7.35 -4.77 22.93
N GLY B 38 8.21 -5.75 22.70
CA GLY B 38 7.95 -6.83 21.78
C GLY B 38 7.82 -6.50 20.29
N ASN B 39 8.40 -5.39 19.85
CA ASN B 39 8.16 -4.88 18.48
C ASN B 39 6.69 -4.93 18.07
N ALA B 40 5.91 -4.49 19.02
CA ALA B 40 4.48 -4.38 18.82
C ALA B 40 4.16 -3.27 17.82
N CYS B 41 5.09 -2.34 17.60
CA CYS B 41 4.83 -1.19 16.75
C CYS B 41 6.05 -0.62 16.01
N PRO B 42 6.76 -1.48 15.24
CA PRO B 42 7.88 -1.00 14.46
C PRO B 42 7.60 0.15 13.50
N GLU B 43 6.43 0.16 12.85
CA GLU B 43 6.12 1.26 11.91
C GLU B 43 5.96 2.58 12.68
N VAL B 44 5.48 2.49 13.94
CA VAL B 44 5.34 3.66 14.80
C VAL B 44 6.75 4.11 15.21
N GLU B 45 7.57 3.16 15.68
CA GLU B 45 8.94 3.50 16.12
C GLU B 45 9.79 4.07 14.97
N LYS B 46 9.58 3.55 13.76
CA LYS B 46 10.26 4.00 12.52
C LYS B 46 9.94 5.47 12.15
N ALA B 47 8.80 5.97 12.65
CA ALA B 47 8.39 7.35 12.44
C ALA B 47 8.95 8.32 13.51
N ASP B 48 9.01 9.59 13.16
CA ASP B 48 9.27 10.62 14.17
C ASP B 48 7.90 10.85 14.85
N ALA B 49 7.56 9.93 15.77
CA ALA B 49 6.27 9.97 16.50
C ALA B 49 6.55 10.16 17.98
N THR B 50 5.90 11.17 18.57
CA THR B 50 6.10 11.51 19.96
C THR B 50 4.76 11.69 20.69
N PHE B 51 4.80 11.60 22.02
CA PHE B 51 3.62 11.83 22.85
C PHE B 51 3.31 13.33 22.95
N LEU B 52 2.08 13.70 22.60
CA LEU B 52 1.51 15.00 23.01
C LEU B 52 0.90 14.90 24.41
N TYR B 53 0.24 13.78 24.71
CA TYR B 53 -0.40 13.56 25.99
C TYR B 53 -0.64 12.09 26.22
N SER B 54 -0.43 11.60 27.43
CA SER B 54 -0.69 10.17 27.73
C SER B 54 -1.71 10.19 28.89
N PHE B 55 -2.61 9.22 28.92
CA PHE B 55 -3.61 9.10 29.98
C PHE B 55 -3.93 7.67 30.37
N GLU B 56 -4.24 7.48 31.65
CA GLU B 56 -4.48 6.17 32.21
C GLU B 56 -5.58 6.19 33.25
N ASP B 57 -6.54 5.30 33.11
CA ASP B 57 -7.66 5.15 34.04
C ASP B 57 -8.37 6.49 34.27
N SER B 58 -8.54 7.21 33.18
CA SER B 58 -9.09 8.55 33.24
C SER B 58 -10.62 8.46 33.14
N GLY B 59 -11.23 9.54 33.59
CA GLY B 59 -12.65 9.77 33.39
C GLY B 59 -13.36 8.88 34.36
N VAL B 60 -14.24 8.02 33.85
CA VAL B 60 -14.91 7.11 34.75
C VAL B 60 -13.92 6.17 35.46
N GLY B 61 -12.72 5.98 34.90
CA GLY B 61 -11.77 5.03 35.45
C GLY B 61 -11.26 3.96 34.47
N ASP B 62 -11.81 3.95 33.23
CA ASP B 62 -11.49 2.95 32.25
C ASP B 62 -10.89 3.54 30.95
N VAL B 63 -10.47 4.80 30.93
CA VAL B 63 -10.02 5.39 29.67
C VAL B 63 -8.52 5.62 29.68
N THR B 64 -7.87 4.91 28.76
CA THR B 64 -6.42 4.82 28.75
C THR B 64 -5.98 4.90 27.31
N GLY B 65 -4.90 5.64 27.08
CA GLY B 65 -4.38 5.81 25.73
C GLY B 65 -3.44 6.96 25.65
N PHE B 66 -3.29 7.49 24.46
CA PHE B 66 -2.40 8.59 24.24
C PHE B 66 -2.79 9.36 22.99
N LEU B 67 -2.30 10.59 22.97
CA LEU B 67 -2.35 11.46 21.80
C LEU B 67 -0.91 11.64 21.29
N ALA B 68 -0.70 11.34 20.01
CA ALA B 68 0.63 11.36 19.39
C ALA B 68 0.71 12.37 18.27
N LEU B 69 1.91 12.93 18.09
CA LEU B 69 2.24 13.75 16.95
C LEU B 69 3.21 12.94 16.10
N ASP B 70 2.88 12.73 14.83
CA ASP B 70 3.74 12.00 13.91
C ASP B 70 4.15 12.91 12.76
N ASN B 71 5.40 13.40 12.82
CA ASN B 71 5.92 14.35 11.84
C ASN B 71 6.27 13.67 10.52
N THR B 72 6.53 12.36 10.56
CA THR B 72 6.87 11.60 9.36
C THR B 72 5.65 11.42 8.46
N ASN B 73 4.53 11.03 9.08
CA ASN B 73 3.30 10.75 8.37
C ASN B 73 2.31 11.92 8.42
N LYS B 74 2.64 13.00 9.16
CA LYS B 74 1.82 14.20 9.29
C LYS B 74 0.47 13.87 9.86
N LEU B 75 0.52 13.24 11.04
CA LEU B 75 -0.67 12.78 11.72
C LEU B 75 -0.72 13.31 13.14
N ILE B 76 -1.95 13.48 13.60
CA ILE B 76 -2.30 13.64 14.99
C ILE B 76 -3.15 12.43 15.33
N VAL B 77 -2.64 11.56 16.21
CA VAL B 77 -3.28 10.28 16.43
C VAL B 77 -3.74 10.16 17.86
N LEU B 78 -5.04 9.96 18.05
CA LEU B 78 -5.58 9.65 19.35
C LEU B 78 -5.86 8.14 19.37
N SER B 79 -5.18 7.43 20.25
CA SER B 79 -5.28 6.01 20.36
C SER B 79 -5.80 5.62 21.70
N PHE B 80 -6.89 4.87 21.71
CA PHE B 80 -7.45 4.34 22.90
C PHE B 80 -7.14 2.88 23.14
N ARG B 81 -6.67 2.56 24.34
CA ARG B 81 -6.48 1.20 24.79
C ARG B 81 -7.84 0.54 24.94
N GLY B 82 -7.93 -0.69 24.52
CA GLY B 82 -9.11 -1.50 24.83
C GLY B 82 -9.00 -2.32 26.08
N SER B 83 -9.34 -3.60 25.95
CA SER B 83 -9.18 -4.52 27.05
C SER B 83 -8.48 -5.79 26.59
N ARG B 84 -7.72 -6.40 27.53
CA ARG B 84 -7.07 -7.71 27.33
C ARG B 84 -8.21 -8.78 27.17
N SER B 85 -9.20 -8.66 28.04
CA SER B 85 -10.32 -9.57 28.06
C SER B 85 -11.25 -9.50 26.87
N CYS B 86 -11.64 -10.66 26.42
N CYS B 86 -11.58 -10.66 26.27
CA CYS B 86 -12.50 -10.87 25.32
CA CYS B 86 -12.61 -10.69 25.20
C CYS B 86 -14.06 -10.68 25.57
C CYS B 86 -14.03 -10.44 25.67
N GLU B 87 -14.48 -11.14 26.73
CA GLU B 87 -15.92 -11.24 27.10
C GLU B 87 -16.36 -10.54 28.36
N ASN B 88 -15.43 -10.36 29.30
CA ASN B 88 -15.76 -9.98 30.71
C ASN B 88 -16.57 -8.71 30.83
N TRP B 89 -16.21 -7.77 29.96
CA TRP B 89 -16.86 -6.49 29.90
C TRP B 89 -18.40 -6.60 29.66
N ILE B 90 -18.87 -7.71 29.06
CA ILE B 90 -20.33 -7.97 28.94
C ILE B 90 -20.97 -8.19 30.35
N GLY B 91 -20.25 -8.87 31.24
CA GLY B 91 -20.69 -9.11 32.59
C GLY B 91 -20.67 -7.90 33.51
N ASN B 92 -19.98 -6.85 33.11
CA ASN B 92 -20.37 -5.55 33.79
CA ASN B 92 -19.43 -5.80 33.98
C ASN B 92 -21.89 -5.10 33.66
C ASN B 92 -19.51 -4.35 33.45
N LEU B 93 -22.62 -5.71 32.70
N LEU B 93 -19.65 -4.15 32.14
CA LEU B 93 -24.05 -5.51 32.45
CA LEU B 93 -19.95 -2.81 31.61
C LEU B 93 -24.47 -4.09 32.00
C LEU B 93 -21.41 -2.83 31.28
N ASN B 94 -23.49 -3.27 31.57
N ASN B 94 -22.03 -1.67 31.28
CA ASN B 94 -23.66 -1.83 31.28
CA ASN B 94 -23.48 -1.62 31.16
C ASN B 94 -23.86 -1.61 29.74
C ASN B 94 -23.85 -1.57 29.69
N PHE B 95 -24.58 -2.58 29.19
CA PHE B 95 -24.96 -2.64 27.76
C PHE B 95 -26.40 -2.19 27.53
N ASP B 96 -27.04 -1.62 28.54
CA ASP B 96 -28.20 -0.78 28.29
C ASP B 96 -27.84 0.39 27.32
N LEU B 97 -28.78 0.80 26.48
CA LEU B 97 -28.57 1.88 25.52
C LEU B 97 -28.93 3.20 26.22
N LYS B 98 -28.14 4.24 25.98
CA LYS B 98 -28.41 5.59 26.48
C LYS B 98 -28.54 6.55 25.28
N GLU B 99 -29.35 7.58 25.47
CA GLU B 99 -29.57 8.55 24.38
C GLU B 99 -28.26 9.25 24.04
N ILE B 100 -27.98 9.41 22.76
CA ILE B 100 -26.93 10.26 22.29
C ILE B 100 -27.50 11.17 21.16
N ASN B 101 -28.63 11.80 21.45
CA ASN B 101 -29.23 12.80 20.53
C ASN B 101 -28.34 13.97 20.19
N ASP B 102 -27.42 14.35 21.09
CA ASP B 102 -26.45 15.40 20.84
C ASP B 102 -25.39 15.03 19.79
N ILE B 103 -25.22 13.73 19.53
CA ILE B 103 -24.34 13.22 18.43
C ILE B 103 -25.16 13.05 17.13
N CYS B 104 -26.34 12.44 17.22
CA CYS B 104 -27.24 12.24 16.10
C CYS B 104 -28.64 11.93 16.56
N SER B 105 -29.62 12.48 15.87
CA SER B 105 -31.02 12.44 16.33
C SER B 105 -31.55 10.99 16.29
N GLY B 106 -32.15 10.53 17.42
CA GLY B 106 -32.63 9.16 17.54
C GLY B 106 -31.53 8.15 17.83
N CYS B 107 -30.27 8.59 17.90
CA CYS B 107 -29.18 7.64 18.15
C CYS B 107 -29.11 7.26 19.63
N ARG B 108 -28.76 6.02 19.87
CA ARG B 108 -28.52 5.52 21.23
CA ARG B 108 -28.58 5.52 21.25
C ARG B 108 -27.28 4.71 21.21
N GLY B 109 -26.52 4.78 22.29
CA GLY B 109 -25.24 4.09 22.37
C GLY B 109 -25.05 3.35 23.67
N HIS B 110 -24.14 2.39 23.65
CA HIS B 110 -23.81 1.57 24.81
C HIS B 110 -23.53 2.52 25.97
N ASP B 111 -24.12 2.22 27.13
CA ASP B 111 -23.98 3.03 28.35
C ASP B 111 -22.51 3.16 28.71
N GLY B 112 -21.79 2.04 28.80
CA GLY B 112 -20.36 2.10 29.17
C GLY B 112 -19.50 2.94 28.20
N PHE B 113 -19.57 2.70 26.88
CA PHE B 113 -18.70 3.38 25.91
C PHE B 113 -19.06 4.88 25.84
N THR B 114 -20.35 5.19 25.82
CA THR B 114 -20.73 6.62 25.74
C THR B 114 -20.42 7.35 27.04
N SER B 115 -20.63 6.71 28.19
CA SER B 115 -20.30 7.28 29.51
C SER B 115 -18.78 7.58 29.55
N SER B 116 -17.99 6.59 29.10
CA SER B 116 -16.53 6.76 29.14
C SER B 116 -16.13 7.99 28.28
N TRP B 117 -16.63 8.07 27.06
CA TRP B 117 -16.30 9.21 26.19
C TRP B 117 -16.75 10.55 26.79
N ARG B 118 -17.99 10.61 27.26
CA ARG B 118 -18.46 11.88 27.90
C ARG B 118 -17.55 12.28 29.07
N SER B 119 -17.07 11.30 29.83
CA SER B 119 -16.30 11.59 31.02
C SER B 119 -14.90 12.16 30.73
N VAL B 120 -14.40 11.97 29.52
CA VAL B 120 -13.07 12.50 29.10
C VAL B 120 -13.12 13.48 27.93
N ALA B 121 -14.31 13.77 27.40
CA ALA B 121 -14.43 14.53 26.18
C ALA B 121 -13.81 15.95 26.29
N ASP B 122 -14.06 16.66 27.41
CA ASP B 122 -13.57 18.04 27.56
C ASP B 122 -12.03 18.09 27.47
N THR B 123 -11.37 17.21 28.20
CA THR B 123 -9.90 17.16 28.19
C THR B 123 -9.41 16.77 26.80
N LEU B 124 -9.95 15.71 26.23
CA LEU B 124 -9.40 15.19 24.95
C LEU B 124 -9.75 16.03 23.73
N ARG B 125 -10.95 16.62 23.72
CA ARG B 125 -11.28 17.55 22.65
C ARG B 125 -10.27 18.71 22.63
N GLN B 126 -9.97 19.26 23.79
CA GLN B 126 -9.06 20.40 23.87
C GLN B 126 -7.65 20.04 23.39
N LYS B 127 -7.16 18.87 23.76
CA LYS B 127 -5.81 18.46 23.34
C LYS B 127 -5.77 18.24 21.81
N VAL B 128 -6.78 17.58 21.28
CA VAL B 128 -6.85 17.37 19.81
C VAL B 128 -6.88 18.71 19.08
N GLU B 129 -7.76 19.59 19.54
CA GLU B 129 -7.98 20.86 18.89
C GLU B 129 -6.75 21.78 18.99
N ASP B 130 -6.02 21.73 20.11
CA ASP B 130 -4.77 22.47 20.28
C ASP B 130 -3.72 21.97 19.24
N ALA B 131 -3.64 20.64 19.05
CA ALA B 131 -2.72 20.05 18.06
C ALA B 131 -3.07 20.42 16.60
N VAL B 132 -4.34 20.36 16.27
CA VAL B 132 -4.83 20.82 14.97
C VAL B 132 -4.44 22.28 14.70
N ARG B 133 -4.64 23.14 15.68
CA ARG B 133 -4.25 24.57 15.53
C ARG B 133 -2.76 24.77 15.28
N GLU B 134 -1.93 24.04 16.02
CA GLU B 134 -0.49 24.08 15.80
C GLU B 134 -0.04 23.40 14.51
N HIS B 135 -0.78 22.39 14.03
CA HIS B 135 -0.43 21.61 12.83
C HIS B 135 -1.64 21.43 11.91
N PRO B 136 -2.13 22.52 11.30
CA PRO B 136 -3.38 22.46 10.51
C PRO B 136 -3.31 21.61 9.23
N ASP B 137 -2.09 21.31 8.78
CA ASP B 137 -1.85 20.41 7.65
C ASP B 137 -1.75 18.92 8.02
N TYR B 138 -1.83 18.57 9.31
CA TYR B 138 -1.72 17.17 9.71
C TYR B 138 -3.13 16.54 9.74
N ARG B 139 -3.19 15.24 9.46
CA ARG B 139 -4.44 14.48 9.45
C ARG B 139 -4.74 13.97 10.87
N VAL B 140 -5.96 14.23 11.32
CA VAL B 140 -6.39 13.70 12.61
C VAL B 140 -6.95 12.28 12.40
N VAL B 141 -6.45 11.35 13.20
CA VAL B 141 -6.93 9.96 13.18
C VAL B 141 -7.20 9.49 14.60
N PHE B 142 -8.38 8.92 14.85
CA PHE B 142 -8.66 8.27 16.11
C PHE B 142 -8.64 6.75 15.84
N THR B 143 -8.09 6.00 16.78
CA THR B 143 -7.94 4.59 16.59
C THR B 143 -8.03 3.82 17.89
N GLY B 144 -8.36 2.54 17.76
CA GLY B 144 -8.24 1.65 18.87
C GLY B 144 -8.66 0.25 18.54
N HIS B 145 -8.23 -0.66 19.38
CA HIS B 145 -8.61 -2.06 19.36
C HIS B 145 -9.69 -2.31 20.41
N SER B 146 -10.62 -3.19 20.07
CA SER B 146 -11.60 -3.70 21.01
C SER B 146 -12.41 -2.49 21.54
N LEU B 147 -12.59 -2.45 22.86
CA LEU B 147 -13.35 -1.34 23.50
C LEU B 147 -12.71 0.01 23.14
N GLY B 148 -11.39 0.03 22.92
CA GLY B 148 -10.72 1.25 22.46
C GLY B 148 -11.19 1.73 21.09
N GLY B 149 -11.47 0.78 20.19
CA GLY B 149 -12.05 1.07 18.90
C GLY B 149 -13.48 1.60 19.00
N ALA B 150 -14.23 1.11 19.99
CA ALA B 150 -15.56 1.65 20.30
C ALA B 150 -15.46 3.08 20.76
N LEU B 151 -14.55 3.34 21.68
CA LEU B 151 -14.30 4.71 22.13
C LEU B 151 -13.91 5.63 21.01
N ALA B 152 -12.98 5.18 20.15
CA ALA B 152 -12.55 5.96 19.01
C ALA B 152 -13.72 6.32 18.10
N THR B 153 -14.61 5.36 17.90
CA THR B 153 -15.78 5.52 17.04
C THR B 153 -16.77 6.55 17.61
N VAL B 154 -17.08 6.43 18.88
CA VAL B 154 -17.97 7.41 19.55
C VAL B 154 -17.33 8.81 19.52
N ALA B 155 -16.04 8.89 19.86
CA ALA B 155 -15.32 10.15 19.90
C ALA B 155 -15.30 10.83 18.53
N GLY B 156 -15.05 10.04 17.47
CA GLY B 156 -15.05 10.58 16.11
C GLY B 156 -16.40 11.07 15.66
N ALA B 157 -17.45 10.27 15.91
CA ALA B 157 -18.81 10.64 15.60
C ALA B 157 -19.17 11.96 16.29
N ASP B 158 -18.72 12.14 17.53
CA ASP B 158 -19.00 13.39 18.28
C ASP B 158 -18.25 14.57 17.66
N LEU B 159 -16.93 14.44 17.54
CA LEU B 159 -16.06 15.59 17.32
C LEU B 159 -15.91 15.97 15.85
N ARG B 160 -16.44 15.15 14.93
CA ARG B 160 -16.50 15.59 13.51
C ARG B 160 -17.38 16.81 13.36
N GLY B 161 -17.11 17.56 12.27
CA GLY B 161 -17.90 18.72 11.88
C GLY B 161 -17.44 20.01 12.50
N ASN B 162 -16.25 20.06 13.10
CA ASN B 162 -15.73 21.25 13.73
C ASN B 162 -14.48 21.83 13.02
N GLY B 163 -14.44 21.69 11.68
CA GLY B 163 -13.39 22.33 10.87
C GLY B 163 -12.14 21.50 10.56
N TYR B 164 -12.09 20.27 11.03
CA TYR B 164 -11.00 19.32 10.63
C TYR B 164 -11.59 17.92 10.49
N ASP B 165 -11.10 17.18 9.51
CA ASP B 165 -11.54 15.78 9.32
C ASP B 165 -11.01 14.89 10.41
N ILE B 166 -11.79 13.85 10.72
CA ILE B 166 -11.37 12.82 11.65
C ILE B 166 -11.66 11.48 11.01
N ASP B 167 -10.60 10.76 10.67
CA ASP B 167 -10.74 9.41 10.27
C ASP B 167 -10.66 8.51 11.50
N VAL B 168 -11.37 7.41 11.46
CA VAL B 168 -11.35 6.44 12.56
C VAL B 168 -10.98 5.06 12.01
N PHE B 169 -10.03 4.41 12.66
CA PHE B 169 -9.69 3.01 12.35
C PHE B 169 -9.91 2.20 13.59
N SER B 170 -10.85 1.30 13.53
CA SER B 170 -11.11 0.41 14.70
C SER B 170 -10.77 -1.04 14.38
N TYR B 171 -10.26 -1.77 15.36
CA TYR B 171 -9.83 -3.16 15.18
C TYR B 171 -10.57 -4.02 16.18
N GLY B 172 -11.40 -4.93 15.71
CA GLY B 172 -12.04 -5.84 16.60
C GLY B 172 -13.03 -5.15 17.56
N ALA B 173 -13.65 -4.07 17.11
CA ALA B 173 -14.55 -3.28 17.98
C ALA B 173 -15.93 -3.91 18.09
N PRO B 174 -16.50 -3.87 19.32
CA PRO B 174 -17.88 -4.26 19.46
C PRO B 174 -18.83 -3.26 18.74
N ARG B 175 -20.08 -3.66 18.64
CA ARG B 175 -21.15 -2.76 18.21
C ARG B 175 -21.27 -1.66 19.25
N VAL B 176 -21.52 -0.46 18.77
CA VAL B 176 -21.56 0.69 19.70
C VAL B 176 -22.95 1.24 20.02
N GLY B 177 -23.93 0.93 19.18
CA GLY B 177 -25.24 1.46 19.47
C GLY B 177 -26.32 0.88 18.60
N ASN B 178 -27.42 1.65 18.51
CA ASN B 178 -28.63 1.18 17.83
C ASN B 178 -28.53 1.32 16.27
N ARG B 179 -29.59 0.94 15.56
CA ARG B 179 -29.61 1.04 14.11
C ARG B 179 -29.44 2.48 13.62
N ALA B 180 -30.04 3.47 14.31
CA ALA B 180 -29.86 4.88 13.93
C ALA B 180 -28.42 5.30 14.00
N PHE B 181 -27.72 4.84 15.04
CA PHE B 181 -26.33 5.20 15.15
C PHE B 181 -25.51 4.53 14.09
N ALA B 182 -25.81 3.27 13.82
CA ALA B 182 -25.11 2.57 12.75
C ALA B 182 -25.28 3.25 11.41
N GLU B 183 -26.51 3.68 11.11
CA GLU B 183 -26.82 4.41 9.87
C GLU B 183 -26.01 5.71 9.81
N PHE B 184 -26.00 6.48 10.91
CA PHE B 184 -25.24 7.70 10.99
C PHE B 184 -23.75 7.48 10.73
N LEU B 185 -23.16 6.45 11.36
CA LEU B 185 -21.76 6.15 11.16
C LEU B 185 -21.44 5.69 9.72
N THR B 186 -22.43 5.20 9.02
CA THR B 186 -22.28 4.79 7.63
C THR B 186 -22.16 5.99 6.67
N VAL B 187 -22.79 7.11 7.01
CA VAL B 187 -22.90 8.23 6.06
C VAL B 187 -22.28 9.53 6.53
N GLN B 188 -21.82 9.60 7.76
CA GLN B 188 -21.38 10.87 8.33
C GLN B 188 -20.25 11.53 7.50
N THR B 189 -20.38 12.81 7.22
CA THR B 189 -19.34 13.58 6.50
C THR B 189 -18.22 13.99 7.50
N GLY B 190 -17.13 14.54 6.98
CA GLY B 190 -16.07 15.05 7.85
C GLY B 190 -15.12 13.97 8.30
N GLY B 191 -15.02 12.90 7.52
CA GLY B 191 -14.06 11.85 7.79
C GLY B 191 -14.62 10.49 7.47
N THR B 192 -13.76 9.46 7.50
CA THR B 192 -14.14 8.09 7.17
C THR B 192 -13.86 7.15 8.35
N LEU B 193 -14.80 6.26 8.64
CA LEU B 193 -14.63 5.15 9.57
C LEU B 193 -14.18 3.89 8.80
N TYR B 194 -13.05 3.33 9.19
CA TYR B 194 -12.61 2.03 8.69
C TYR B 194 -12.76 1.03 9.84
N ARG B 195 -13.79 0.18 9.76
CA ARG B 195 -14.13 -0.77 10.79
C ARG B 195 -13.61 -2.14 10.41
N ILE B 196 -12.54 -2.56 11.07
CA ILE B 196 -11.75 -3.78 10.65
C ILE B 196 -12.01 -4.92 11.61
N THR B 197 -12.28 -6.09 11.08
CA THR B 197 -12.59 -7.28 11.86
C THR B 197 -11.67 -8.39 11.39
N HIS B 198 -11.50 -9.41 12.23
CA HIS B 198 -10.68 -10.58 11.95
C HIS B 198 -11.47 -11.86 12.15
N THR B 199 -11.48 -12.68 11.09
CA THR B 199 -12.06 -14.09 11.06
C THR B 199 -13.30 -14.13 11.99
N ASN B 200 -13.27 -14.95 13.03
N ASN B 200 -13.25 -14.97 13.03
CA ASN B 200 -14.40 -15.16 13.87
CA ASN B 200 -14.34 -15.24 13.94
C ASN B 200 -14.22 -14.57 15.28
C ASN B 200 -14.18 -14.59 15.33
N ASP B 201 -13.51 -13.45 15.35
CA ASP B 201 -13.32 -12.67 16.57
C ASP B 201 -14.71 -12.44 17.23
N ILE B 202 -14.84 -12.84 18.50
CA ILE B 202 -16.10 -12.68 19.23
C ILE B 202 -16.47 -11.21 19.44
N VAL B 203 -15.48 -10.32 19.62
CA VAL B 203 -15.80 -9.00 20.10
C VAL B 203 -16.72 -8.18 19.17
N PRO B 204 -16.47 -8.23 17.84
CA PRO B 204 -17.43 -7.56 16.93
C PRO B 204 -18.83 -8.18 16.87
N ARG B 205 -19.02 -9.30 17.53
CA ARG B 205 -20.33 -9.96 17.67
C ARG B 205 -21.04 -9.55 18.97
N LEU B 206 -20.46 -8.65 19.73
CA LEU B 206 -21.00 -8.20 20.98
C LEU B 206 -21.31 -6.70 20.92
N PRO B 207 -22.25 -6.20 21.73
CA PRO B 207 -23.28 -6.99 22.39
C PRO B 207 -24.18 -7.62 21.32
N PRO B 208 -24.95 -8.65 21.68
CA PRO B 208 -25.84 -9.33 20.75
C PRO B 208 -26.78 -8.33 20.02
N ARG B 209 -27.05 -8.64 18.76
CA ARG B 209 -28.11 -7.93 17.99
C ARG B 209 -29.41 -7.84 18.77
N GLU B 210 -29.75 -8.89 19.47
CA GLU B 210 -31.00 -8.99 20.17
C GLU B 210 -31.15 -7.99 21.32
N PHE B 211 -30.05 -7.37 21.74
CA PHE B 211 -30.09 -6.34 22.76
C PHE B 211 -30.28 -4.95 22.12
N GLY B 212 -30.48 -4.90 20.80
CA GLY B 212 -30.78 -3.62 20.10
C GLY B 212 -29.58 -2.96 19.43
N TYR B 213 -28.51 -3.71 19.24
CA TYR B 213 -27.30 -3.22 18.64
C TYR B 213 -27.21 -3.56 17.12
N SER B 214 -26.58 -2.66 16.36
CA SER B 214 -26.27 -2.82 14.94
C SER B 214 -24.86 -2.41 14.65
N HIS B 215 -24.29 -2.92 13.54
CA HIS B 215 -23.04 -2.41 13.01
C HIS B 215 -23.21 -1.50 11.80
N SER B 216 -22.40 -0.47 11.77
CA SER B 216 -22.20 0.42 10.60
C SER B 216 -21.55 -0.36 9.41
N SER B 217 -21.71 0.22 8.22
CA SER B 217 -21.12 -0.29 6.98
C SER B 217 -20.11 0.72 6.42
N PRO B 218 -19.03 0.26 5.80
CA PRO B 218 -18.74 -1.16 5.52
C PRO B 218 -17.91 -1.78 6.62
N GLU B 219 -17.52 -3.03 6.38
CA GLU B 219 -16.64 -3.82 7.25
C GLU B 219 -15.45 -4.27 6.42
N TYR B 220 -14.23 -4.12 6.95
CA TYR B 220 -13.03 -4.69 6.32
C TYR B 220 -12.66 -5.95 7.09
N TRP B 221 -12.94 -7.10 6.49
CA TRP B 221 -12.81 -8.39 7.14
C TRP B 221 -11.51 -9.06 6.74
N ILE B 222 -10.66 -9.32 7.72
CA ILE B 222 -9.39 -10.07 7.52
C ILE B 222 -9.67 -11.56 7.62
N LYS B 223 -9.45 -12.29 6.53
CA LYS B 223 -9.76 -13.71 6.48
C LYS B 223 -8.62 -14.65 6.83
N SER B 224 -7.39 -14.15 6.87
CA SER B 224 -6.22 -14.99 7.20
C SER B 224 -6.25 -15.31 8.68
N GLY B 225 -5.61 -16.43 9.03
CA GLY B 225 -5.72 -16.96 10.37
C GLY B 225 -4.92 -16.22 11.45
N THR B 226 -5.06 -16.74 12.68
CA THR B 226 -4.36 -16.19 13.84
C THR B 226 -2.89 -16.58 13.78
N LEU B 227 -2.02 -15.60 13.98
CA LEU B 227 -0.56 -15.70 13.80
C LEU B 227 -0.15 -15.86 12.31
N VAL B 228 -1.07 -15.62 11.37
CA VAL B 228 -0.74 -15.72 9.95
C VAL B 228 -0.54 -14.28 9.43
N PRO B 229 0.60 -14.04 8.74
CA PRO B 229 0.76 -12.67 8.21
C PRO B 229 -0.40 -12.34 7.24
N VAL B 230 -0.82 -11.09 7.20
CA VAL B 230 -1.91 -10.64 6.35
C VAL B 230 -1.37 -10.05 5.04
N THR B 231 -2.01 -10.39 3.93
CA THR B 231 -1.73 -9.75 2.62
C THR B 231 -2.96 -8.96 2.23
N ARG B 232 -2.79 -8.06 1.29
CA ARG B 232 -3.92 -7.28 0.82
C ARG B 232 -5.02 -8.12 0.18
N ASN B 233 -4.71 -9.31 -0.34
CA ASN B 233 -5.75 -10.26 -0.82
C ASN B 233 -6.53 -10.95 0.29
N ASP B 234 -6.10 -10.82 1.54
CA ASP B 234 -6.82 -11.44 2.68
C ASP B 234 -7.86 -10.56 3.30
N ILE B 235 -7.97 -9.30 2.84
CA ILE B 235 -8.91 -8.32 3.38
C ILE B 235 -10.04 -8.12 2.37
N VAL B 236 -11.27 -8.38 2.81
CA VAL B 236 -12.46 -8.27 1.99
C VAL B 236 -13.33 -7.13 2.53
N LYS B 237 -13.75 -6.22 1.67
CA LYS B 237 -14.73 -5.18 2.06
C LYS B 237 -16.15 -5.72 1.95
N ILE B 238 -16.91 -5.65 3.04
CA ILE B 238 -18.25 -6.21 3.12
C ILE B 238 -19.22 -5.04 3.32
N GLU B 239 -20.17 -4.90 2.41
CA GLU B 239 -21.12 -3.78 2.44
C GLU B 239 -22.47 -4.13 3.04
N GLY B 240 -23.05 -3.18 3.79
CA GLY B 240 -24.44 -3.30 4.28
C GLY B 240 -24.51 -3.21 5.81
N ILE B 241 -25.52 -2.52 6.34
CA ILE B 241 -25.71 -2.44 7.82
C ILE B 241 -26.05 -3.84 8.27
N ASP B 242 -25.34 -4.32 9.29
CA ASP B 242 -25.51 -5.66 9.81
C ASP B 242 -25.29 -6.76 8.73
N ALA B 243 -24.36 -6.53 7.80
CA ALA B 243 -24.06 -7.51 6.77
C ALA B 243 -23.54 -8.78 7.41
N THR B 244 -23.84 -9.92 6.75
CA THR B 244 -23.49 -11.24 7.30
C THR B 244 -22.38 -11.96 6.51
N GLY B 245 -21.81 -11.30 5.52
CA GLY B 245 -20.72 -11.93 4.71
C GLY B 245 -19.33 -12.01 5.36
N GLY B 246 -19.11 -11.30 6.48
CA GLY B 246 -17.76 -11.24 7.09
C GLY B 246 -17.70 -11.87 8.47
N ASN B 247 -17.38 -11.06 9.46
CA ASN B 247 -17.32 -11.51 10.85
C ASN B 247 -18.69 -11.96 11.41
N ASN B 248 -19.76 -11.35 10.93
CA ASN B 248 -21.10 -11.50 11.51
C ASN B 248 -21.79 -12.71 10.92
N GLN B 249 -21.24 -13.88 11.21
CA GLN B 249 -21.73 -15.12 10.69
C GLN B 249 -22.12 -16.08 11.80
N PRO B 250 -23.04 -17.02 11.46
CA PRO B 250 -23.54 -17.96 12.48
C PRO B 250 -22.66 -19.17 12.69
N ASN B 251 -21.45 -18.94 13.17
CA ASN B 251 -20.52 -20.01 13.45
C ASN B 251 -19.88 -19.80 14.81
N ILE B 252 -18.98 -20.70 15.24
CA ILE B 252 -18.41 -20.56 16.57
C ILE B 252 -17.41 -19.39 16.58
N PRO B 253 -17.49 -18.48 17.56
CA PRO B 253 -16.57 -17.39 17.63
C PRO B 253 -15.31 -17.81 18.38
N ASP B 254 -14.36 -16.90 18.45
CA ASP B 254 -13.06 -17.18 18.94
C ASP B 254 -12.44 -15.94 19.66
N CYS B 255 -11.79 -16.19 20.79
N CYS B 255 -11.81 -16.12 20.82
CA CYS B 255 -11.04 -15.14 21.50
CA CYS B 255 -11.05 -15.03 21.45
C CYS B 255 -9.62 -14.91 20.94
C CYS B 255 -9.58 -14.85 20.93
N PRO B 256 -8.87 -15.96 20.65
CA PRO B 256 -7.52 -15.73 20.01
C PRO B 256 -7.52 -14.86 18.79
N ALA B 257 -8.57 -14.97 17.95
CA ALA B 257 -8.66 -14.15 16.77
C ALA B 257 -8.74 -12.68 17.08
N HIS B 258 -9.27 -12.34 18.26
CA HIS B 258 -9.25 -10.98 18.71
C HIS B 258 -7.86 -10.33 18.92
N LEU B 259 -6.85 -11.13 19.10
CA LEU B 259 -5.51 -10.67 19.46
C LEU B 259 -4.56 -10.61 18.23
N TRP B 260 -5.11 -10.84 17.03
CA TRP B 260 -4.23 -10.86 15.84
C TRP B 260 -4.84 -10.05 14.75
N TYR B 261 -4.44 -8.78 14.69
CA TYR B 261 -4.88 -7.81 13.68
C TYR B 261 -3.56 -7.29 13.05
N PHE B 262 -3.11 -7.99 12.02
CA PHE B 262 -1.81 -7.76 11.36
C PHE B 262 -0.64 -8.33 12.18
N GLY B 263 -0.60 -8.07 13.46
CA GLY B 263 0.31 -8.69 14.40
C GLY B 263 -0.39 -8.77 15.75
N LEU B 264 0.35 -9.11 16.80
CA LEU B 264 -0.26 -9.27 18.11
C LEU B 264 -0.78 -7.93 18.57
N ILE B 265 -1.97 -7.94 19.12
CA ILE B 265 -2.61 -6.70 19.58
C ILE B 265 -3.43 -7.02 20.82
N GLY B 266 -3.37 -6.13 21.80
CA GLY B 266 -4.08 -6.34 23.02
C GLY B 266 -3.32 -7.12 24.03
N THR B 267 -2.06 -7.44 23.73
CA THR B 267 -1.23 -8.12 24.67
C THR B 267 0.14 -7.95 24.07
N CYS B 268 1.14 -7.75 24.89
CA CYS B 268 2.48 -7.54 24.39
C CYS B 268 3.33 -8.84 24.38
N LEU B 269 4.15 -8.99 23.33
CA LEU B 269 5.10 -10.11 23.23
C LEU B 269 6.14 -9.99 24.32
C1 NAG C . 0.21 -24.14 -22.60
C2 NAG C . 0.03 -25.41 -23.39
C3 NAG C . -0.96 -26.33 -22.64
C4 NAG C . -0.43 -26.60 -21.20
C5 NAG C . -0.09 -25.32 -20.49
C6 NAG C . 0.62 -25.61 -19.16
C7 NAG C . 0.03 -25.52 -25.87
C8 NAG C . -0.70 -25.05 -27.14
N2 NAG C . -0.50 -25.11 -24.71
O3 NAG C . -1.16 -27.58 -23.32
O4 NAG C . -1.50 -27.29 -20.53
O5 NAG C . 0.77 -24.54 -21.29
O6 NAG C . 1.05 -24.42 -18.53
O7 NAG C . 1.03 -26.21 -25.94
C1 GOL D . 6.54 4.93 -3.36
O1 GOL D . 5.30 4.21 -3.21
C2 GOL D . 7.16 4.66 -4.75
O2 GOL D . 7.77 3.34 -4.79
C3 GOL D . 6.15 4.84 -5.87
O3 GOL D . 6.77 4.87 -7.18
C1 PEG E . -9.06 -2.08 -25.62
O1 PEG E . -9.40 -3.45 -25.44
C2 PEG E . -9.00 -1.73 -27.09
O2 PEG E . -7.85 -2.34 -27.69
C3 PEG E . -7.98 -2.62 -29.09
C4 PEG E . -6.65 -3.01 -29.71
O4 PEG E . -6.52 -4.44 -29.86
C1 GOL F . -18.03 8.23 8.25
O1 GOL F . -17.94 7.27 9.36
C2 GOL F . -18.70 7.75 6.95
O2 GOL F . -18.30 8.48 5.71
C3 GOL F . -18.31 6.33 6.72
O3 GOL F . -16.92 6.26 6.94
S SO4 G . -27.89 -14.14 15.86
O1 SO4 G . -27.97 -13.04 16.83
O2 SO4 G . -28.68 -15.27 16.38
O3 SO4 G . -26.44 -14.54 15.69
O4 SO4 G . -28.42 -13.74 14.56
#